data_1YOU
#
_entry.id   1YOU
#
_cell.length_a   81.089
_cell.length_b   108.223
_cell.length_c   36.035
_cell.angle_alpha   90.00
_cell.angle_beta   90.00
_cell.angle_gamma   90.00
#
_symmetry.space_group_name_H-M   'P 21 21 2'
#
loop_
_entity.id
_entity.type
_entity.pdbx_description
1 polymer 'Collagenase 3'
2 non-polymer 'ZINC ION'
3 non-polymer 'CALCIUM ION'
4 non-polymer 'SULFATE ION'
5 non-polymer 5-(2-ETHOXYETHYL)-5-[4-(4-FLUOROPHENOXY)PHENOXY]PYRIMIDINE-2,4,6(1H,3H,5H)-TRIONE
6 water water
#
_entity_poly.entity_id   1
_entity_poly.type   'polypeptide(L)'
_entity_poly.pdbx_seq_one_letter_code
;YNVFPRTLKWSKMNLTYRIVNYTPDMTHSEVEKAFKKAFKVWSDVTPLNFTRLHDGIADIMISFGIKEHGDFYPFDGPSG
LLAHAFPPGPNYGGDAHFDDDETWTSSSKGYNLFLVAAHEFGHSLGLDHSKDPGALMFPIYTYTGKSHFMLPDDDVQGIQ
SLYGPGDE
;
_entity_poly.pdbx_strand_id   A,B
#
# COMPACT_ATOMS: atom_id res chain seq x y z
N TYR A 1 17.35 -3.35 8.88
CA TYR A 1 18.17 -4.34 8.07
C TYR A 1 17.77 -4.31 6.55
N ASN A 2 18.29 -5.24 5.75
CA ASN A 2 18.35 -5.13 4.28
C ASN A 2 17.06 -4.91 3.41
N VAL A 3 16.09 -5.81 3.48
CA VAL A 3 14.83 -5.69 2.72
C VAL A 3 13.67 -5.45 3.69
N PHE A 4 12.54 -4.96 3.17
CA PHE A 4 11.40 -4.61 4.03
C PHE A 4 10.67 -5.85 4.62
N PRO A 5 10.47 -5.88 5.97
CA PRO A 5 9.80 -6.96 6.72
C PRO A 5 8.61 -7.77 6.13
N ARG A 6 7.53 -7.15 5.60
CA ARG A 6 6.28 -7.86 5.08
C ARG A 6 5.28 -8.33 6.16
N THR A 7 3.99 -8.53 5.78
CA THR A 7 2.93 -9.27 6.58
C THR A 7 1.70 -9.70 5.73
N LEU A 8 1.76 -10.86 5.10
CA LEU A 8 0.58 -11.34 4.35
C LEU A 8 -0.57 -11.95 5.23
N LYS A 9 -0.30 -12.24 6.53
CA LYS A 9 -1.33 -12.78 7.47
C LYS A 9 -1.15 -12.43 8.98
N TRP A 10 -2.21 -12.67 9.75
CA TRP A 10 -2.30 -12.36 11.17
C TRP A 10 -1.66 -13.49 11.93
N SER A 11 -1.00 -13.17 13.04
CA SER A 11 -0.18 -14.16 13.73
C SER A 11 -1.07 -14.98 14.65
N LYS A 12 -2.26 -14.45 14.94
CA LYS A 12 -3.14 -14.95 16.00
C LYS A 12 -4.53 -15.30 15.48
N MET A 13 -5.22 -16.24 16.12
CA MET A 13 -6.53 -16.71 15.63
C MET A 13 -7.74 -15.86 16.10
N ASN A 14 -7.61 -15.32 17.30
CA ASN A 14 -8.62 -14.51 17.93
C ASN A 14 -8.46 -13.01 17.69
N LEU A 15 -9.25 -12.51 16.75
CA LEU A 15 -9.24 -11.10 16.41
C LEU A 15 -10.32 -10.25 17.15
N THR A 16 -9.99 -9.01 17.45
CA THR A 16 -11.01 -8.07 17.92
C THR A 16 -11.40 -7.09 16.82
N TYR A 17 -12.65 -6.65 16.86
CA TYR A 17 -12.99 -5.49 16.07
C TYR A 17 -13.81 -4.53 16.91
N ARG A 18 -13.73 -3.26 16.51
CA ARG A 18 -14.56 -2.15 17.02
C ARG A 18 -15.31 -1.36 15.94
N ILE A 19 -16.59 -1.10 16.15
CA ILE A 19 -17.39 -0.21 15.35
C ILE A 19 -17.27 1.23 15.84
N VAL A 20 -16.33 1.97 15.26
CA VAL A 20 -16.04 3.33 15.75
C VAL A 20 -17.25 4.29 15.58
N ASN A 21 -18.01 4.17 14.48
CA ASN A 21 -19.21 5.00 14.29
C ASN A 21 -20.16 4.30 13.30
N TYR A 22 -21.25 4.95 12.90
CA TYR A 22 -22.42 4.30 12.35
C TYR A 22 -22.95 5.13 11.22
N THR A 23 -23.41 4.44 10.17
CA THR A 23 -24.08 5.11 9.07
C THR A 23 -25.45 5.61 9.55
N PRO A 24 -25.87 6.77 9.04
CA PRO A 24 -27.31 7.19 9.17
C PRO A 24 -28.36 6.25 8.65
N ASP A 25 -28.04 5.29 7.76
CA ASP A 25 -29.08 4.61 6.93
C ASP A 25 -29.73 3.35 7.49
N MET A 26 -29.09 2.80 8.51
CA MET A 26 -29.51 1.56 9.15
C MET A 26 -29.45 1.80 10.65
N THR A 27 -30.17 1.02 11.43
CA THR A 27 -30.15 1.08 12.89
C THR A 27 -28.81 0.56 13.38
N HIS A 28 -28.46 0.83 14.62
CA HIS A 28 -27.25 0.24 15.16
C HIS A 28 -27.34 -1.25 15.06
N SER A 29 -28.47 -1.84 15.44
CA SER A 29 -28.53 -3.29 15.48
C SER A 29 -28.39 -3.85 14.07
N GLU A 30 -29.04 -3.23 13.05
CA GLU A 30 -28.80 -3.59 11.61
C GLU A 30 -27.31 -3.71 11.22
N VAL A 31 -26.57 -2.64 11.43
CA VAL A 31 -25.12 -2.57 11.18
C VAL A 31 -24.35 -3.66 11.95
N GLU A 32 -24.62 -3.74 13.25
CA GLU A 32 -24.04 -4.77 14.08
C GLU A 32 -24.23 -6.19 13.53
N LYS A 33 -25.44 -6.48 13.06
CA LYS A 33 -25.74 -7.81 12.48
C LYS A 33 -25.01 -8.13 11.18
N ALA A 34 -24.87 -7.09 10.37
CA ALA A 34 -24.18 -7.13 9.10
C ALA A 34 -22.70 -7.48 9.27
N PHE A 35 -22.02 -6.75 10.13
CA PHE A 35 -20.62 -6.99 10.45
C PHE A 35 -20.39 -8.30 11.18
N LYS A 36 -21.26 -8.64 12.14
CA LYS A 36 -21.18 -9.95 12.83
C LYS A 36 -21.26 -11.10 11.80
N LYS A 37 -22.19 -10.93 10.87
CA LYS A 37 -22.47 -11.98 9.91
C LYS A 37 -21.42 -12.02 8.82
N ALA A 38 -20.88 -10.87 8.42
CA ALA A 38 -19.71 -10.80 7.49
C ALA A 38 -18.46 -11.50 7.98
N PHE A 39 -18.16 -11.34 9.29
CA PHE A 39 -17.11 -12.05 10.00
C PHE A 39 -17.35 -13.55 10.17
N LYS A 40 -18.60 -13.96 10.36
CA LYS A 40 -18.94 -15.37 10.51
C LYS A 40 -18.76 -16.13 9.16
N VAL A 41 -18.79 -15.39 8.06
CA VAL A 41 -18.49 -15.91 6.75
C VAL A 41 -17.08 -16.52 6.73
N TRP A 42 -16.13 -15.80 7.30
CA TRP A 42 -14.77 -16.24 7.34
C TRP A 42 -14.45 -17.19 8.48
N SER A 43 -15.17 -17.09 9.61
CA SER A 43 -14.78 -17.85 10.81
C SER A 43 -15.31 -19.28 10.75
N ASP A 44 -16.25 -19.41 9.83
CA ASP A 44 -17.00 -20.62 9.58
C ASP A 44 -16.15 -21.61 8.86
N VAL A 45 -15.18 -21.11 8.09
CA VAL A 45 -14.30 -21.98 7.32
C VAL A 45 -12.84 -21.88 7.65
N THR A 46 -12.52 -21.47 8.87
CA THR A 46 -11.14 -21.26 9.32
C THR A 46 -11.19 -21.39 10.87
N PRO A 47 -10.01 -21.38 11.55
CA PRO A 47 -9.93 -21.34 13.01
C PRO A 47 -10.14 -19.95 13.61
N LEU A 48 -10.19 -18.90 12.77
CA LEU A 48 -10.36 -17.49 13.18
C LEU A 48 -11.59 -17.28 14.00
N ASN A 49 -11.45 -16.44 15.04
CA ASN A 49 -12.59 -16.02 15.87
C ASN A 49 -12.62 -14.52 15.96
N PHE A 50 -13.80 -13.96 16.09
CA PHE A 50 -13.94 -12.50 16.03
C PHE A 50 -14.69 -11.98 17.24
N THR A 51 -14.13 -10.99 17.93
CA THR A 51 -14.88 -10.45 19.07
C THR A 51 -15.01 -8.96 18.95
N ARG A 52 -16.13 -8.48 19.48
CA ARG A 52 -16.45 -7.06 19.51
C ARG A 52 -15.99 -6.34 20.74
N LEU A 53 -15.35 -5.20 20.50
CA LEU A 53 -14.94 -4.23 21.53
C LEU A 53 -15.79 -2.99 21.34
N HIS A 54 -16.35 -2.44 22.43
CA HIS A 54 -17.10 -1.18 22.36
C HIS A 54 -16.22 0.07 22.40
N ASP A 55 -14.98 -0.03 22.90
CA ASP A 55 -14.06 1.12 23.02
C ASP A 55 -12.61 0.73 22.77
N GLY A 56 -11.74 1.73 22.63
CA GLY A 56 -10.30 1.50 22.53
C GLY A 56 -9.72 0.86 21.29
N ILE A 57 -8.45 0.41 21.35
CA ILE A 57 -7.72 -0.22 20.21
C ILE A 57 -8.25 -1.64 20.08
N ALA A 58 -8.68 -1.95 18.85
CA ALA A 58 -8.99 -3.32 18.40
C ALA A 58 -8.15 -3.66 17.13
N ASP A 59 -7.98 -4.93 16.82
CA ASP A 59 -7.25 -5.35 15.61
C ASP A 59 -7.85 -4.74 14.34
N ILE A 60 -9.17 -4.84 14.28
CA ILE A 60 -9.99 -4.36 13.15
C ILE A 60 -10.92 -3.22 13.58
N MET A 61 -10.59 -2.01 13.15
CA MET A 61 -11.35 -0.80 13.44
C MET A 61 -12.20 -0.40 12.23
N ILE A 62 -13.49 -0.22 12.48
CA ILE A 62 -14.44 -0.05 11.41
C ILE A 62 -15.09 1.28 11.57
N SER A 63 -14.99 2.11 10.55
CA SER A 63 -15.75 3.32 10.56
C SER A 63 -16.26 3.73 9.18
N PHE A 64 -17.09 4.78 9.22
CA PHE A 64 -17.81 5.30 8.10
C PHE A 64 -17.34 6.72 7.83
N GLY A 65 -16.93 6.96 6.61
CA GLY A 65 -16.59 8.36 6.27
C GLY A 65 -16.77 8.76 4.83
N ILE A 66 -16.67 10.05 4.59
CA ILE A 66 -16.84 10.61 3.25
C ILE A 66 -15.51 11.27 2.90
N LYS A 67 -15.23 11.36 1.60
CA LYS A 67 -14.10 12.19 1.03
C LYS A 67 -12.77 11.93 1.76
N GLU A 68 -11.96 12.97 1.98
CA GLU A 68 -10.73 12.78 2.76
C GLU A 68 -11.11 12.44 4.25
N HIS A 69 -10.80 11.23 4.68
CA HIS A 69 -11.29 10.83 5.97
C HIS A 69 -10.22 10.29 6.93
N GLY A 70 -8.94 10.56 6.63
CA GLY A 70 -7.88 10.26 7.60
C GLY A 70 -6.74 9.33 7.23
N ASP A 71 -6.71 8.84 5.99
CA ASP A 71 -5.63 7.96 5.58
C ASP A 71 -5.07 8.29 4.21
N PHE A 72 -5.49 9.41 3.65
CA PHE A 72 -5.15 9.82 2.24
C PHE A 72 -5.54 8.91 1.12
N TYR A 73 -6.49 8.02 1.38
CA TYR A 73 -7.18 7.32 0.31
C TYR A 73 -8.61 7.81 0.36
N PRO A 74 -8.84 8.97 -0.25
CA PRO A 74 -10.12 9.65 -0.16
C PRO A 74 -11.24 8.82 -0.72
N PHE A 75 -12.46 9.05 -0.29
CA PHE A 75 -13.58 8.46 -1.00
C PHE A 75 -14.04 9.40 -2.09
N ASP A 76 -15.07 9.02 -2.84
CA ASP A 76 -15.43 9.75 -4.08
C ASP A 76 -16.89 10.20 -4.20
N GLY A 77 -17.70 10.25 -3.13
CA GLY A 77 -19.15 10.50 -3.24
C GLY A 77 -19.88 9.23 -3.63
N PRO A 78 -21.22 9.28 -3.87
CA PRO A 78 -21.91 8.04 -4.25
C PRO A 78 -21.30 7.38 -5.49
N SER A 79 -21.46 6.05 -5.60
CA SER A 79 -20.85 5.22 -6.63
C SER A 79 -19.32 5.22 -6.55
N GLY A 80 -18.61 4.78 -7.60
CA GLY A 80 -17.19 4.49 -7.51
C GLY A 80 -16.77 3.63 -6.31
N LEU A 81 -15.82 4.15 -5.57
CA LEU A 81 -15.30 3.47 -4.41
C LEU A 81 -16.43 3.32 -3.39
N LEU A 82 -16.52 2.15 -2.79
CA LEU A 82 -17.61 1.80 -1.87
C LEU A 82 -17.08 1.69 -0.44
N ALA A 83 -15.93 1.03 -0.26
CA ALA A 83 -15.29 0.84 1.06
C ALA A 83 -13.82 0.54 0.76
N HIS A 84 -12.97 0.51 1.79
CA HIS A 84 -11.67 -0.19 1.69
C HIS A 84 -11.19 -0.79 3.01
N ALA A 85 -10.16 -1.66 2.95
CA ALA A 85 -9.64 -2.28 4.14
C ALA A 85 -8.20 -2.59 3.95
N PHE A 86 -7.41 -2.53 5.03
CA PHE A 86 -5.95 -2.63 4.97
C PHE A 86 -5.65 -4.06 5.30
N PRO A 87 -4.59 -4.63 4.71
CA PRO A 87 -4.29 -6.02 5.00
C PRO A 87 -3.85 -6.20 6.49
N PRO A 88 -3.58 -7.44 6.93
CA PRO A 88 -3.14 -7.67 8.30
C PRO A 88 -1.90 -6.84 8.71
N GLY A 89 -1.87 -6.49 9.99
CA GLY A 89 -0.77 -5.72 10.56
C GLY A 89 -1.18 -5.06 11.87
N PRO A 90 -0.22 -4.33 12.50
CA PRO A 90 -0.34 -3.44 13.67
C PRO A 90 -0.76 -2.04 13.20
N ASN A 91 -1.24 -1.21 14.12
CA ASN A 91 -1.87 0.06 13.73
C ASN A 91 -3.11 -0.08 12.76
N TYR A 92 -2.98 0.39 11.51
CA TYR A 92 -4.10 0.48 10.59
C TYR A 92 -4.45 -0.84 9.92
N GLY A 93 -3.66 -1.86 10.26
CA GLY A 93 -3.72 -3.20 9.68
C GLY A 93 -5.07 -3.76 10.04
N GLY A 94 -5.86 -4.11 8.99
CA GLY A 94 -7.07 -4.83 9.14
C GLY A 94 -8.27 -3.93 9.17
N ASP A 95 -8.01 -2.61 9.23
CA ASP A 95 -9.00 -1.54 9.46
C ASP A 95 -9.84 -1.38 8.21
N ALA A 96 -11.15 -1.18 8.39
CA ALA A 96 -12.15 -1.13 7.31
C ALA A 96 -12.95 0.18 7.35
N HIS A 97 -12.98 0.90 6.23
CA HIS A 97 -13.79 2.11 6.14
C HIS A 97 -14.90 1.92 5.10
N PHE A 98 -16.07 2.48 5.39
CA PHE A 98 -17.18 2.41 4.44
C PHE A 98 -17.55 3.83 4.03
N ASP A 99 -17.62 4.12 2.72
CA ASP A 99 -18.10 5.43 2.18
C ASP A 99 -19.51 5.81 2.63
N ASP A 100 -19.64 6.71 3.62
CA ASP A 100 -20.99 7.17 4.01
C ASP A 100 -21.70 8.11 3.00
N ASP A 101 -21.14 8.19 1.81
CA ASP A 101 -21.88 8.89 0.73
C ASP A 101 -22.74 7.87 -0.07
N GLU A 102 -22.52 6.60 0.24
CA GLU A 102 -23.35 5.51 -0.24
C GLU A 102 -24.58 5.33 0.65
N THR A 103 -25.56 4.68 0.03
CA THR A 103 -26.75 4.29 0.77
C THR A 103 -26.72 2.78 1.02
N TRP A 104 -26.53 2.46 2.29
CA TRP A 104 -26.26 1.12 2.78
C TRP A 104 -27.55 0.60 3.38
N THR A 105 -27.81 -0.67 3.14
CA THR A 105 -29.05 -1.31 3.51
C THR A 105 -28.80 -2.72 4.05
N SER A 106 -29.84 -3.28 4.63
CA SER A 106 -29.90 -4.67 4.98
C SER A 106 -30.64 -5.50 3.93
N SER A 107 -31.00 -4.83 2.82
CA SER A 107 -31.69 -5.40 1.68
C SER A 107 -30.97 -5.05 0.35
N SER A 108 -31.74 -5.06 -0.76
CA SER A 108 -31.28 -4.99 -2.14
C SER A 108 -31.24 -3.57 -2.67
N LYS A 109 -31.94 -2.67 -1.99
CA LYS A 109 -31.81 -1.28 -2.33
C LYS A 109 -30.37 -0.90 -1.91
N GLY A 110 -29.80 0.11 -2.56
CA GLY A 110 -28.42 0.52 -2.32
C GLY A 110 -27.45 -0.62 -2.13
N TYR A 111 -26.38 -0.37 -1.38
CA TYR A 111 -25.38 -1.39 -1.22
C TYR A 111 -25.64 -2.17 0.01
N ASN A 112 -25.79 -3.48 -0.14
CA ASN A 112 -26.09 -4.31 1.03
C ASN A 112 -24.83 -4.30 1.92
N LEU A 113 -24.88 -3.73 3.10
CA LEU A 113 -23.67 -3.61 3.92
C LEU A 113 -22.93 -4.95 4.17
N PHE A 114 -23.65 -6.02 4.42
CA PHE A 114 -23.14 -7.33 4.75
C PHE A 114 -22.30 -7.89 3.63
N LEU A 115 -22.79 -7.77 2.38
CA LEU A 115 -22.03 -8.28 1.27
C LEU A 115 -20.73 -7.49 1.07
N VAL A 116 -20.84 -6.17 1.04
CA VAL A 116 -19.67 -5.33 0.88
C VAL A 116 -18.61 -5.48 2.02
N ALA A 117 -19.08 -5.50 3.27
CA ALA A 117 -18.27 -5.96 4.49
C ALA A 117 -17.72 -7.37 4.44
N ALA A 118 -18.48 -8.35 4.03
CA ALA A 118 -17.83 -9.68 3.91
C ALA A 118 -16.70 -9.63 2.89
N HIS A 119 -16.85 -8.83 1.83
CA HIS A 119 -15.73 -8.58 0.90
C HIS A 119 -14.53 -7.81 1.53
N GLU A 120 -14.79 -6.70 2.21
CA GLU A 120 -13.73 -5.91 2.88
C GLU A 120 -12.94 -6.71 3.93
N PHE A 121 -13.62 -7.64 4.62
CA PHE A 121 -12.98 -8.39 5.69
C PHE A 121 -12.03 -9.43 5.10
N GLY A 122 -12.35 -10.03 3.96
CA GLY A 122 -11.33 -10.85 3.21
C GLY A 122 -10.03 -10.05 3.04
N HIS A 123 -10.14 -8.80 2.55
CA HIS A 123 -9.01 -7.89 2.50
C HIS A 123 -8.30 -7.71 3.86
N SER A 124 -9.10 -7.39 4.90
CA SER A 124 -8.69 -7.33 6.31
C SER A 124 -7.92 -8.57 6.84
N LEU A 125 -8.16 -9.72 6.20
CA LEU A 125 -7.53 -11.00 6.50
C LEU A 125 -6.41 -11.38 5.52
N GLY A 126 -6.20 -10.56 4.50
CA GLY A 126 -5.11 -10.78 3.57
C GLY A 126 -5.48 -11.28 2.18
N LEU A 127 -6.77 -11.35 1.86
CA LEU A 127 -7.19 -11.81 0.52
C LEU A 127 -7.13 -10.64 -0.41
N ASP A 128 -6.56 -10.81 -1.58
CA ASP A 128 -6.69 -9.85 -2.70
C ASP A 128 -7.87 -10.20 -3.58
N HIS A 129 -7.90 -9.65 -4.80
CA HIS A 129 -8.98 -9.94 -5.78
C HIS A 129 -8.92 -11.23 -6.53
N SER A 130 -10.08 -11.81 -6.69
CA SER A 130 -10.26 -13.02 -7.44
C SER A 130 -10.54 -12.73 -8.88
N LYS A 131 -10.19 -13.65 -9.79
CA LYS A 131 -10.52 -13.51 -11.23
C LYS A 131 -11.68 -14.44 -11.58
N ASP A 132 -12.21 -15.10 -10.56
CA ASP A 132 -13.39 -15.93 -10.65
C ASP A 132 -14.64 -15.06 -10.47
N PRO A 133 -15.38 -14.79 -11.58
CA PRO A 133 -16.53 -13.89 -11.51
C PRO A 133 -17.61 -14.30 -10.51
N GLY A 134 -17.64 -15.56 -10.08
CA GLY A 134 -18.56 -15.97 -9.04
C GLY A 134 -18.08 -15.69 -7.62
N ALA A 135 -16.79 -15.37 -7.47
CA ALA A 135 -16.18 -15.31 -6.12
C ALA A 135 -16.50 -14.00 -5.38
N LEU A 136 -16.66 -14.09 -4.06
CA LEU A 136 -16.92 -12.91 -3.23
C LEU A 136 -15.79 -11.87 -3.30
N MET A 137 -14.56 -12.31 -3.55
CA MET A 137 -13.42 -11.38 -3.62
C MET A 137 -13.28 -10.81 -5.02
N PHE A 138 -14.26 -11.11 -5.87
CA PHE A 138 -14.37 -10.52 -7.20
C PHE A 138 -14.82 -9.09 -7.06
N PRO A 139 -14.05 -8.14 -7.65
CA PRO A 139 -14.30 -6.70 -7.41
C PRO A 139 -15.52 -6.13 -8.12
N ILE A 140 -16.61 -6.88 -8.20
CA ILE A 140 -17.84 -6.33 -8.76
C ILE A 140 -18.96 -6.67 -7.81
N TYR A 141 -19.74 -5.67 -7.41
CA TYR A 141 -20.91 -5.87 -6.62
C TYR A 141 -22.00 -6.61 -7.43
N THR A 142 -22.52 -7.70 -6.84
CA THR A 142 -23.63 -8.57 -7.27
C THR A 142 -24.48 -8.72 -6.00
N TYR A 143 -25.79 -8.51 -6.08
CA TYR A 143 -26.58 -8.69 -4.93
C TYR A 143 -27.07 -10.15 -4.74
N THR A 144 -27.07 -10.61 -3.46
CA THR A 144 -27.50 -12.00 -3.06
C THR A 144 -28.66 -12.18 -2.01
N GLY A 145 -28.63 -11.49 -0.89
CA GLY A 145 -29.71 -11.66 0.08
C GLY A 145 -29.43 -12.77 1.08
N LYS A 146 -29.25 -12.36 2.35
CA LYS A 146 -28.79 -13.20 3.50
C LYS A 146 -28.91 -14.72 3.45
N SER A 147 -30.15 -15.23 3.42
CA SER A 147 -30.46 -16.68 3.47
C SER A 147 -30.06 -17.50 2.21
N HIS A 148 -29.77 -16.81 1.10
CA HIS A 148 -29.17 -17.46 -0.04
C HIS A 148 -27.63 -17.38 -0.05
N PHE A 149 -27.01 -16.86 1.00
CA PHE A 149 -25.56 -16.69 0.94
C PHE A 149 -24.68 -17.85 1.39
N MET A 150 -23.93 -18.39 0.45
CA MET A 150 -22.90 -19.39 0.76
C MET A 150 -21.57 -18.85 0.25
N LEU A 151 -20.52 -18.94 1.05
CA LEU A 151 -19.20 -18.57 0.62
C LEU A 151 -18.83 -19.45 -0.57
N PRO A 152 -18.60 -18.83 -1.73
CA PRO A 152 -18.22 -19.64 -2.88
C PRO A 152 -16.88 -20.33 -2.62
N ASP A 153 -16.60 -21.40 -3.34
CA ASP A 153 -15.40 -22.18 -3.06
C ASP A 153 -14.05 -21.52 -3.40
N ASP A 154 -14.00 -20.49 -4.24
CA ASP A 154 -12.73 -19.78 -4.51
C ASP A 154 -12.20 -18.90 -3.29
N ASP A 155 -13.15 -18.33 -2.52
CA ASP A 155 -12.90 -17.59 -1.30
C ASP A 155 -12.64 -18.55 -0.11
N VAL A 156 -13.39 -19.65 -0.04
CA VAL A 156 -12.95 -20.80 0.77
C VAL A 156 -11.47 -21.20 0.50
N GLN A 157 -11.15 -21.56 -0.75
CA GLN A 157 -9.77 -22.01 -1.04
C GLN A 157 -8.77 -20.93 -0.76
N GLY A 158 -9.12 -19.68 -1.06
CA GLY A 158 -8.29 -18.50 -0.81
C GLY A 158 -7.97 -18.33 0.67
N ILE A 159 -8.97 -18.21 1.48
CA ILE A 159 -8.69 -17.94 2.86
C ILE A 159 -8.03 -19.09 3.64
N GLN A 160 -8.30 -20.33 3.21
CA GLN A 160 -7.81 -21.56 3.85
C GLN A 160 -6.38 -21.79 3.41
N SER A 161 -5.99 -21.23 2.26
CA SER A 161 -4.55 -21.15 1.90
C SER A 161 -3.66 -20.35 2.90
N LEU A 162 -4.28 -19.43 3.63
CA LEU A 162 -3.59 -18.59 4.60
C LEU A 162 -3.72 -19.13 6.01
N TYR A 163 -4.89 -19.66 6.36
CA TYR A 163 -5.20 -20.02 7.74
C TYR A 163 -5.58 -21.44 7.99
N GLY A 164 -5.61 -22.26 6.92
CA GLY A 164 -6.09 -23.66 6.97
C GLY A 164 -7.59 -23.80 7.25
N PRO A 165 -8.11 -25.03 7.23
CA PRO A 165 -9.54 -25.23 7.59
C PRO A 165 -10.01 -24.96 9.05
N GLY A 166 -11.31 -24.72 9.22
CA GLY A 166 -11.89 -24.58 10.55
C GLY A 166 -12.42 -25.91 11.00
N ASP A 167 -13.11 -25.92 12.12
CA ASP A 167 -13.72 -27.16 12.62
C ASP A 167 -14.60 -27.81 11.55
N GLU A 168 -14.43 -29.15 11.38
CA GLU A 168 -14.67 -29.95 10.15
C GLU A 168 -13.46 -29.94 9.16
N TYR B 1 -6.80 -17.20 -6.59
CA TYR B 1 -7.83 -16.51 -5.76
C TYR B 1 -7.26 -15.20 -5.39
N ASN B 2 -5.95 -15.24 -5.14
CA ASN B 2 -5.12 -14.08 -4.87
C ASN B 2 -5.00 -13.60 -3.39
N VAL B 3 -3.77 -13.68 -2.95
CA VAL B 3 -3.33 -13.25 -1.66
C VAL B 3 -2.42 -12.03 -1.90
N PHE B 4 -2.56 -11.04 -1.01
CA PHE B 4 -1.55 -10.00 -0.88
C PHE B 4 -0.18 -10.71 -0.64
N PRO B 5 0.86 -10.35 -1.45
CA PRO B 5 2.21 -10.95 -1.58
C PRO B 5 3.07 -11.31 -0.37
N ARG B 6 3.55 -12.56 -0.49
CA ARG B 6 4.91 -13.05 -0.20
C ARG B 6 5.91 -12.09 0.47
N THR B 7 6.01 -10.85 -0.05
CA THR B 7 7.08 -9.85 0.29
C THR B 7 6.88 -8.56 -0.54
N LEU B 8 7.28 -7.39 -0.01
CA LEU B 8 7.04 -6.09 -0.68
C LEU B 8 8.01 -5.81 -1.81
N LYS B 9 7.66 -6.29 -2.99
CA LYS B 9 8.51 -6.13 -4.15
C LYS B 9 7.61 -6.11 -5.39
N TRP B 10 8.09 -5.61 -6.52
CA TRP B 10 7.25 -5.54 -7.73
C TRP B 10 7.09 -6.92 -8.34
N SER B 11 5.93 -7.16 -8.91
CA SER B 11 5.61 -8.42 -9.57
C SER B 11 5.82 -8.30 -11.09
N LYS B 12 6.36 -7.18 -11.54
CA LYS B 12 6.64 -6.95 -12.96
C LYS B 12 8.00 -6.27 -13.08
N MET B 13 8.75 -6.62 -14.13
CA MET B 13 10.06 -6.05 -14.34
C MET B 13 9.98 -4.72 -15.02
N ASN B 14 8.89 -4.42 -15.72
CA ASN B 14 8.88 -3.17 -16.49
C ASN B 14 7.99 -2.16 -15.81
N LEU B 15 8.65 -1.12 -15.29
CA LEU B 15 8.05 -0.10 -14.44
C LEU B 15 8.09 1.23 -15.13
N THR B 16 7.14 2.09 -14.76
CA THR B 16 7.03 3.43 -15.34
C THR B 16 7.33 4.53 -14.29
N TYR B 17 7.78 5.70 -14.72
CA TYR B 17 7.87 6.73 -13.72
C TYR B 17 7.61 8.06 -14.32
N ARG B 18 7.26 9.01 -13.48
CA ARG B 18 6.80 10.31 -13.96
C ARG B 18 7.38 11.38 -13.07
N ILE B 19 8.02 12.35 -13.71
CA ILE B 19 8.46 13.58 -13.04
C ILE B 19 7.35 14.61 -13.07
N VAL B 20 6.61 14.62 -11.95
CA VAL B 20 5.46 15.48 -11.75
C VAL B 20 5.82 16.99 -11.80
N ASN B 21 6.89 17.39 -11.09
CA ASN B 21 7.41 18.72 -11.18
C ASN B 21 8.95 18.69 -10.97
N TYR B 22 9.55 19.87 -11.00
CA TYR B 22 10.97 20.10 -11.03
C TYR B 22 11.42 21.04 -9.90
N THR B 23 12.57 20.77 -9.30
CA THR B 23 13.19 21.74 -8.38
C THR B 23 13.75 23.00 -9.12
N PRO B 24 13.73 24.18 -8.48
CA PRO B 24 14.34 25.35 -9.15
C PRO B 24 15.85 25.30 -9.35
N ASP B 25 16.54 24.36 -8.71
CA ASP B 25 17.98 24.39 -8.50
C ASP B 25 18.79 23.85 -9.67
N MET B 26 18.12 23.12 -10.55
CA MET B 26 18.75 22.46 -11.71
C MET B 26 17.85 22.58 -12.90
N THR B 27 18.40 22.47 -14.12
CA THR B 27 17.55 22.53 -15.34
C THR B 27 16.63 21.32 -15.37
N HIS B 28 15.59 21.39 -16.18
CA HIS B 28 14.72 20.22 -16.45
C HIS B 28 15.51 19.04 -16.94
N SER B 29 16.39 19.30 -17.88
CA SER B 29 17.23 18.26 -18.41
C SER B 29 18.19 17.71 -17.37
N GLU B 30 18.82 18.57 -16.55
CA GLU B 30 19.69 18.04 -15.42
C GLU B 30 18.90 17.12 -14.47
N VAL B 31 17.65 17.49 -14.15
CA VAL B 31 16.80 16.74 -13.28
C VAL B 31 16.47 15.42 -13.92
N GLU B 32 16.05 15.47 -15.21
CA GLU B 32 15.72 14.23 -15.96
C GLU B 32 16.92 13.27 -16.03
N LYS B 33 18.12 13.79 -16.37
CA LYS B 33 19.34 12.98 -16.43
C LYS B 33 19.65 12.29 -15.09
N ALA B 34 19.38 12.98 -13.99
CA ALA B 34 19.64 12.41 -12.64
C ALA B 34 18.72 11.27 -12.29
N PHE B 35 17.42 11.43 -12.59
CA PHE B 35 16.45 10.37 -12.30
C PHE B 35 16.74 9.21 -13.20
N LYS B 36 17.11 9.50 -14.44
CA LYS B 36 17.47 8.37 -15.35
C LYS B 36 18.75 7.61 -14.87
N LYS B 37 19.83 8.32 -14.54
CA LYS B 37 21.08 7.64 -14.15
C LYS B 37 20.81 6.81 -12.91
N ALA B 38 19.92 7.37 -12.06
CA ALA B 38 19.49 6.87 -10.76
C ALA B 38 18.76 5.53 -10.83
N PHE B 39 17.90 5.39 -11.86
CA PHE B 39 17.23 4.12 -12.16
C PHE B 39 18.14 3.14 -12.86
N LYS B 40 19.09 3.67 -13.65
CA LYS B 40 20.02 2.77 -14.37
C LYS B 40 20.85 1.94 -13.42
N VAL B 41 21.39 2.54 -12.38
CA VAL B 41 21.98 1.91 -11.20
C VAL B 41 21.38 0.51 -10.84
N TRP B 42 20.05 0.43 -10.81
CA TRP B 42 19.33 -0.74 -10.33
C TRP B 42 18.97 -1.70 -11.49
N SER B 43 18.49 -1.15 -12.63
CA SER B 43 18.28 -1.94 -13.87
C SER B 43 19.61 -2.54 -14.40
N ASP B 44 20.74 -1.91 -14.09
CA ASP B 44 22.03 -2.41 -14.56
C ASP B 44 22.34 -3.78 -14.02
N VAL B 45 21.71 -4.14 -12.89
CA VAL B 45 22.11 -5.37 -12.18
C VAL B 45 20.95 -6.33 -11.85
N THR B 46 19.82 -6.20 -12.55
CA THR B 46 18.59 -6.95 -12.24
C THR B 46 17.90 -6.92 -13.56
N PRO B 47 16.79 -7.66 -13.72
CA PRO B 47 16.06 -7.45 -15.00
C PRO B 47 15.05 -6.25 -15.03
N LEU B 48 14.93 -5.51 -13.94
CA LEU B 48 14.14 -4.26 -13.86
C LEU B 48 14.35 -3.33 -15.08
N ASN B 49 13.26 -2.82 -15.67
CA ASN B 49 13.39 -1.79 -16.69
C ASN B 49 12.38 -0.71 -16.34
N PHE B 50 12.66 0.48 -16.85
CA PHE B 50 12.07 1.72 -16.35
C PHE B 50 11.72 2.61 -17.52
N THR B 51 10.48 3.08 -17.56
CA THR B 51 10.09 3.97 -18.68
C THR B 51 9.55 5.27 -18.12
N ARG B 52 9.85 6.36 -18.77
CA ARG B 52 9.31 7.63 -18.37
C ARG B 52 7.93 7.94 -19.05
N LEU B 53 7.02 8.44 -18.23
CA LEU B 53 5.69 8.84 -18.64
C LEU B 53 5.71 10.32 -18.48
N HIS B 54 5.09 11.03 -19.41
CA HIS B 54 5.09 12.47 -19.36
C HIS B 54 3.84 13.04 -18.67
N ASP B 55 2.83 12.21 -18.39
CA ASP B 55 1.61 12.62 -17.70
C ASP B 55 0.85 11.34 -17.33
N GLY B 56 -0.28 11.46 -16.62
CA GLY B 56 -1.05 10.28 -16.22
C GLY B 56 -0.45 9.62 -15.00
N ILE B 57 -0.81 8.36 -14.75
CA ILE B 57 -0.36 7.58 -13.58
C ILE B 57 0.73 6.56 -13.94
N ALA B 58 1.85 6.65 -13.23
CA ALA B 58 2.96 5.78 -13.40
C ALA B 58 3.10 4.95 -12.12
N ASP B 59 3.84 3.84 -12.18
CA ASP B 59 4.20 3.08 -10.97
C ASP B 59 4.92 3.90 -9.90
N ILE B 60 5.85 4.76 -10.37
CA ILE B 60 6.73 5.59 -9.54
C ILE B 60 6.46 7.05 -9.87
N MET B 61 5.84 7.76 -8.94
CA MET B 61 5.42 9.16 -9.10
C MET B 61 6.43 10.01 -8.32
N ILE B 62 7.18 10.83 -9.07
CA ILE B 62 8.22 11.63 -8.49
C ILE B 62 7.75 13.04 -8.34
N SER B 63 7.88 13.59 -7.13
CA SER B 63 7.59 15.02 -6.98
C SER B 63 8.51 15.70 -5.95
N PHE B 64 8.65 17.01 -6.10
CA PHE B 64 9.34 17.89 -5.18
C PHE B 64 8.37 18.65 -4.35
N GLY B 65 8.63 18.81 -3.05
CA GLY B 65 7.61 19.47 -2.19
C GLY B 65 8.20 19.94 -0.89
N ILE B 66 7.67 21.02 -0.31
CA ILE B 66 8.09 21.50 1.02
C ILE B 66 7.07 21.25 2.12
N LYS B 67 7.52 20.92 3.32
CA LYS B 67 6.63 20.87 4.48
C LYS B 67 5.53 19.87 4.23
N GLU B 68 4.28 20.23 4.53
CA GLU B 68 3.15 19.35 4.23
C GLU B 68 2.89 19.29 2.73
N HIS B 69 2.93 18.08 2.18
CA HIS B 69 2.95 17.98 0.72
C HIS B 69 2.02 16.86 0.30
N GLY B 70 1.06 16.50 1.17
CA GLY B 70 0.06 15.49 0.80
C GLY B 70 0.18 14.07 1.33
N ASP B 71 0.87 13.92 2.45
CA ASP B 71 0.94 12.65 3.14
C ASP B 71 1.33 12.83 4.62
N PHE B 72 1.53 11.74 5.33
CA PHE B 72 1.91 11.77 6.72
C PHE B 72 3.43 12.00 6.96
N TYR B 73 4.18 12.33 5.91
CA TYR B 73 5.61 12.61 6.05
C TYR B 73 6.00 14.03 5.74
N PRO B 74 5.53 14.98 6.56
CA PRO B 74 5.88 16.38 6.25
C PRO B 74 7.39 16.53 6.14
N PHE B 75 7.87 17.38 5.25
CA PHE B 75 9.29 17.74 5.21
C PHE B 75 9.49 18.88 6.23
N ASP B 76 10.78 19.22 6.44
CA ASP B 76 11.27 19.88 7.60
C ASP B 76 12.18 21.13 7.38
N GLY B 77 12.14 21.73 6.18
CA GLY B 77 13.11 22.80 5.83
C GLY B 77 14.46 22.22 5.40
N PRO B 78 15.49 23.05 5.21
CA PRO B 78 16.81 22.49 4.86
C PRO B 78 17.39 21.42 5.83
N SER B 79 18.28 20.51 5.36
CA SER B 79 18.76 19.36 6.18
C SER B 79 17.66 18.50 6.73
N GLY B 80 17.96 17.64 7.71
CA GLY B 80 17.04 16.58 8.19
C GLY B 80 16.52 15.69 7.07
N LEU B 81 15.22 15.38 7.07
CA LEU B 81 14.67 14.53 6.01
C LEU B 81 14.91 15.27 4.68
N LEU B 82 15.64 14.61 3.78
CA LEU B 82 15.87 15.11 2.42
C LEU B 82 14.79 14.62 1.40
N ALA B 83 14.35 13.37 1.53
CA ALA B 83 13.35 12.80 0.66
C ALA B 83 12.75 11.58 1.34
N HIS B 84 11.67 11.05 0.81
CA HIS B 84 11.31 9.71 1.24
C HIS B 84 10.62 9.00 0.08
N ALA B 85 10.70 7.68 0.07
CA ALA B 85 9.99 6.85 -0.89
C ALA B 85 9.10 5.80 -0.16
N PHE B 86 8.01 5.38 -0.80
CA PHE B 86 7.11 4.33 -0.29
C PHE B 86 7.51 3.06 -0.95
N PRO B 87 7.43 1.94 -0.22
CA PRO B 87 7.77 0.56 -0.71
C PRO B 87 6.89 0.08 -1.88
N PRO B 88 7.33 -0.97 -2.63
CA PRO B 88 6.54 -1.43 -3.76
C PRO B 88 5.11 -1.66 -3.33
N GLY B 89 4.20 -1.44 -4.27
CA GLY B 89 2.83 -1.32 -3.89
C GLY B 89 2.03 -0.66 -4.97
N PRO B 90 0.70 -0.90 -4.94
CA PRO B 90 -0.20 -0.21 -5.81
C PRO B 90 -0.46 1.06 -5.05
N ASN B 91 -1.10 1.99 -5.72
CA ASN B 91 -1.40 3.28 -5.16
C ASN B 91 -0.22 4.20 -5.00
N TYR B 92 0.22 4.45 -3.76
CA TYR B 92 1.33 5.34 -3.50
C TYR B 92 2.67 4.60 -3.51
N GLY B 93 2.63 3.27 -3.48
CA GLY B 93 3.85 2.46 -3.41
C GLY B 93 4.73 2.77 -4.60
N GLY B 94 6.01 3.02 -4.36
CA GLY B 94 6.92 3.39 -5.40
C GLY B 94 7.15 4.91 -5.41
N ASP B 95 6.20 5.70 -4.91
CA ASP B 95 6.36 7.19 -5.02
C ASP B 95 7.55 7.66 -4.17
N ALA B 96 8.19 8.71 -4.67
CA ALA B 96 9.40 9.25 -4.17
C ALA B 96 9.13 10.74 -4.21
N HIS B 97 9.40 11.36 -3.07
CA HIS B 97 9.29 12.76 -2.79
C HIS B 97 10.60 13.36 -2.36
N PHE B 98 10.92 14.56 -2.85
CA PHE B 98 12.17 15.28 -2.56
C PHE B 98 11.82 16.61 -1.93
N ASP B 99 12.57 17.02 -0.90
CA ASP B 99 12.31 18.28 -0.24
C ASP B 99 12.91 19.40 -1.09
N ASP B 100 12.05 20.31 -1.52
CA ASP B 100 12.51 21.45 -2.24
C ASP B 100 12.96 22.59 -1.40
N ASP B 101 13.09 22.35 -0.09
CA ASP B 101 13.95 23.20 0.76
C ASP B 101 15.38 22.73 0.86
N GLU B 102 15.72 21.61 0.21
CA GLU B 102 17.12 21.23 0.09
C GLU B 102 17.73 22.01 -1.04
N THR B 103 19.06 22.14 -1.05
CA THR B 103 19.66 22.64 -2.32
C THR B 103 20.18 21.47 -3.16
N TRP B 104 19.41 21.16 -4.20
CA TRP B 104 19.73 20.10 -5.17
C TRP B 104 20.72 20.53 -6.22
N THR B 105 21.61 19.61 -6.52
CA THR B 105 22.70 19.83 -7.45
C THR B 105 22.95 18.61 -8.33
N SER B 106 23.42 18.88 -9.54
CA SER B 106 23.97 17.87 -10.45
C SER B 106 25.48 17.61 -10.21
N SER B 107 26.12 18.43 -9.35
CA SER B 107 27.51 18.23 -8.97
C SER B 107 27.62 18.11 -7.48
N SER B 108 28.20 19.09 -6.81
CA SER B 108 28.65 18.79 -5.45
C SER B 108 28.30 19.83 -4.39
N LYS B 109 27.91 21.02 -4.85
CA LYS B 109 27.46 22.11 -4.02
C LYS B 109 25.97 21.96 -3.59
N GLY B 110 25.80 21.31 -2.44
CA GLY B 110 24.52 20.89 -1.91
C GLY B 110 24.47 19.37 -1.99
N TYR B 111 23.26 18.81 -2.06
CA TYR B 111 23.04 17.38 -2.21
C TYR B 111 22.86 17.04 -3.69
N ASN B 112 23.61 16.03 -4.15
CA ASN B 112 23.58 15.53 -5.50
C ASN B 112 22.27 14.76 -5.67
N LEU B 113 21.40 15.23 -6.58
CA LEU B 113 20.11 14.57 -6.77
C LEU B 113 20.20 13.13 -7.29
N PHE B 114 21.11 12.87 -8.21
CA PHE B 114 21.29 11.48 -8.71
C PHE B 114 21.49 10.46 -7.57
N LEU B 115 22.40 10.78 -6.64
CA LEU B 115 22.72 9.85 -5.59
C LEU B 115 21.59 9.73 -4.58
N VAL B 116 21.00 10.88 -4.21
CA VAL B 116 19.85 10.81 -3.29
C VAL B 116 18.65 10.02 -3.91
N ALA B 117 18.34 10.35 -5.17
CA ALA B 117 17.32 9.63 -5.95
C ALA B 117 17.59 8.14 -5.99
N ALA B 118 18.87 7.75 -6.23
CA ALA B 118 19.18 6.36 -6.48
C ALA B 118 18.88 5.60 -5.24
N HIS B 119 19.25 6.17 -4.10
CA HIS B 119 18.99 5.63 -2.78
C HIS B 119 17.47 5.63 -2.52
N GLU B 120 16.78 6.71 -2.88
CA GLU B 120 15.32 6.76 -2.85
C GLU B 120 14.69 5.61 -3.68
N PHE B 121 15.15 5.42 -4.91
CA PHE B 121 14.58 4.38 -5.76
C PHE B 121 14.89 3.00 -5.19
N GLY B 122 16.01 2.83 -4.50
CA GLY B 122 16.20 1.59 -3.75
C GLY B 122 15.03 1.22 -2.84
N HIS B 123 14.45 2.24 -2.20
CA HIS B 123 13.39 2.06 -1.21
C HIS B 123 12.12 1.76 -1.96
N SER B 124 11.92 2.53 -3.04
CA SER B 124 10.86 2.30 -4.04
C SER B 124 10.87 0.87 -4.67
N LEU B 125 12.02 0.17 -4.62
CA LEU B 125 12.13 -1.22 -5.15
C LEU B 125 12.06 -2.27 -4.06
N GLY B 126 12.05 -1.83 -2.80
CA GLY B 126 11.73 -2.71 -1.69
C GLY B 126 12.88 -2.98 -0.72
N LEU B 127 13.95 -2.22 -0.91
CA LEU B 127 15.15 -2.30 -0.11
C LEU B 127 15.15 -1.40 1.09
N ASP B 128 15.39 -1.99 2.23
CA ASP B 128 15.55 -1.21 3.44
C ASP B 128 16.98 -0.67 3.55
N HIS B 129 17.23 0.06 4.62
CA HIS B 129 18.52 0.56 4.98
C HIS B 129 19.61 -0.49 5.25
N SER B 130 20.84 -0.16 4.87
CA SER B 130 21.94 -1.09 5.06
C SER B 130 22.78 -0.70 6.30
N LYS B 131 23.44 -1.69 6.93
CA LYS B 131 24.33 -1.46 8.07
C LYS B 131 25.82 -1.31 7.63
N ASP B 132 26.07 -1.50 6.33
CA ASP B 132 27.38 -1.50 5.69
C ASP B 132 27.69 -0.04 5.38
N PRO B 133 28.72 0.54 6.05
CA PRO B 133 28.87 2.00 5.93
C PRO B 133 29.08 2.50 4.52
N GLY B 134 29.43 1.58 3.63
CA GLY B 134 29.82 1.91 2.28
C GLY B 134 28.78 1.44 1.28
N ALA B 135 27.53 1.29 1.74
CA ALA B 135 26.45 0.87 0.87
C ALA B 135 25.63 2.09 0.48
N LEU B 136 24.96 2.03 -0.69
CA LEU B 136 24.07 3.13 -1.16
C LEU B 136 22.83 3.28 -0.23
N MET B 137 22.41 2.13 0.29
CA MET B 137 21.22 2.02 1.09
C MET B 137 21.55 2.30 2.56
N PHE B 138 22.83 2.61 2.80
CA PHE B 138 23.28 3.17 4.01
C PHE B 138 22.76 4.61 4.04
N PRO B 139 21.99 4.97 5.10
CA PRO B 139 21.18 6.18 5.21
C PRO B 139 21.90 7.46 5.52
N ILE B 140 23.21 7.53 5.27
CA ILE B 140 23.91 8.81 5.46
C ILE B 140 24.46 9.14 4.11
N TYR B 141 24.46 10.44 3.81
CA TYR B 141 24.86 10.97 2.54
C TYR B 141 26.37 11.17 2.31
N THR B 142 26.87 10.64 1.20
CA THR B 142 28.28 10.80 0.85
C THR B 142 28.32 11.11 -0.65
N TYR B 143 29.16 12.08 -1.05
CA TYR B 143 29.33 12.42 -2.47
C TYR B 143 30.38 11.53 -3.22
N THR B 144 30.14 11.31 -4.50
CA THR B 144 30.92 10.39 -5.34
C THR B 144 30.98 10.89 -6.80
N GLY B 145 29.82 11.33 -7.30
CA GLY B 145 29.68 11.82 -8.70
C GLY B 145 29.36 10.77 -9.76
N LYS B 146 28.39 11.11 -10.62
CA LYS B 146 28.05 10.35 -11.87
C LYS B 146 29.30 9.65 -12.47
N SER B 147 30.31 10.48 -12.84
CA SER B 147 31.76 10.13 -12.79
C SER B 147 32.07 8.69 -12.35
N HIS B 148 32.20 8.53 -11.02
CA HIS B 148 32.45 7.20 -10.43
C HIS B 148 31.25 6.51 -9.73
N PHE B 149 30.11 6.31 -10.42
CA PHE B 149 29.10 5.48 -9.75
C PHE B 149 29.01 3.97 -9.96
N MET B 150 29.61 3.33 -8.96
CA MET B 150 29.76 1.89 -8.89
C MET B 150 28.84 1.31 -7.78
N LEU B 151 27.61 0.89 -8.13
CA LEU B 151 26.71 0.27 -7.17
C LEU B 151 27.50 -0.58 -6.21
N PRO B 152 27.56 -0.20 -4.92
CA PRO B 152 28.16 -1.08 -3.95
C PRO B 152 27.63 -2.54 -3.97
N ASP B 153 28.55 -3.46 -3.77
CA ASP B 153 28.18 -4.86 -3.87
C ASP B 153 27.07 -5.21 -2.84
N ASP B 154 27.03 -4.55 -1.69
CA ASP B 154 26.03 -4.96 -0.66
C ASP B 154 24.63 -4.64 -1.13
N ASP B 155 24.53 -3.55 -1.90
CA ASP B 155 23.30 -3.10 -2.54
C ASP B 155 22.90 -3.97 -3.74
N VAL B 156 23.89 -4.36 -4.55
CA VAL B 156 23.69 -5.33 -5.65
C VAL B 156 23.13 -6.65 -5.10
N GLN B 157 23.61 -7.12 -3.95
CA GLN B 157 23.13 -8.43 -3.43
C GLN B 157 21.74 -8.34 -2.86
N GLY B 158 21.44 -7.24 -2.17
CA GLY B 158 20.05 -6.99 -1.66
C GLY B 158 19.02 -6.90 -2.80
N ILE B 159 19.32 -6.10 -3.82
CA ILE B 159 18.44 -6.04 -5.01
C ILE B 159 18.21 -7.41 -5.72
N GLN B 160 19.31 -8.07 -6.09
CA GLN B 160 19.26 -9.35 -6.74
C GLN B 160 18.73 -10.38 -5.81
N SER B 161 18.83 -10.16 -4.51
CA SER B 161 18.13 -11.03 -3.62
C SER B 161 16.59 -10.99 -3.84
N LEU B 162 16.08 -9.87 -4.37
CA LEU B 162 14.64 -9.67 -4.66
C LEU B 162 14.17 -10.00 -6.11
N TYR B 163 14.95 -9.52 -7.09
CA TYR B 163 14.59 -9.69 -8.49
C TYR B 163 15.54 -10.61 -9.23
N GLY B 164 16.49 -11.19 -8.52
CA GLY B 164 17.58 -11.87 -9.23
C GLY B 164 18.43 -10.99 -10.13
N PRO B 165 19.38 -11.58 -10.89
CA PRO B 165 20.27 -10.79 -11.75
C PRO B 165 19.79 -10.60 -13.20
#